data_2IVN
#
_entry.id   2IVN
#
_cell.length_a   61.933
_cell.length_b   69.868
_cell.length_c   75.723
_cell.angle_alpha   90.00
_cell.angle_beta   90.00
_cell.angle_gamma   90.00
#
_symmetry.space_group_name_H-M   'P 21 21 21'
#
loop_
_entity.id
_entity.type
_entity.pdbx_description
1 polymer 'O-SIALOGLYCOPROTEIN ENDOPEPTIDASE'
2 non-polymer GLYCEROL
3 non-polymer 'PHOSPHOAMINOPHOSPHONIC ACID-ADENYLATE ESTER'
4 non-polymer 'MAGNESIUM ION'
5 water water
#
_entity_poly.entity_id   1
_entity_poly.type   'polypeptide(L)'
_entity_poly.pdbx_seq_one_letter_code
;MLALGIEGTAHTLGIGIVSEDKVLANVFDTLTTEKGGIHPKEAAEHHARLMKPLLRKALSEAGVSLDDIDVIAFSQGPGL
GPALRVVATAARALAVKYRKPIVGVNHCIAHVEITKMFGVKDPVGLYVSGGNTQVLALEGGRYRVFGETLDIGIGNAIDV
FARELGLGFPGGPKVEKLAEKGEKYIELPYAVKGMDLSFSGLLTEAIRKYRSGKYRVEDLAYSFQETAFAALVEVTERAV
AHTEKDEVVLVGGVAANNRLREMLRIMTEDRGIKFFVPPYDLCRDNGAMIAYTGLRMYKAGISFRLEETIVKQKFRTDEV
EIVWHHHHHH
;
_entity_poly.pdbx_strand_id   A
#
# COMPACT_ATOMS: atom_id res chain seq x y z
N MET A 1 -9.93 1.37 23.37
CA MET A 1 -8.44 1.51 23.43
C MET A 1 -7.92 2.38 22.30
N LEU A 2 -6.72 2.93 22.49
CA LEU A 2 -6.11 3.81 21.49
C LEU A 2 -4.72 3.34 21.09
N ALA A 3 -4.43 3.42 19.80
CA ALA A 3 -3.10 3.12 19.28
C ALA A 3 -2.57 4.29 18.46
N LEU A 4 -1.28 4.56 18.60
CA LEU A 4 -0.59 5.51 17.74
C LEU A 4 0.30 4.73 16.78
N GLY A 5 0.17 5.03 15.49
CA GLY A 5 0.92 4.33 14.46
C GLY A 5 1.77 5.27 13.63
N ILE A 6 3.01 4.85 13.37
CA ILE A 6 3.92 5.62 12.53
C ILE A 6 4.29 4.83 11.28
N GLU A 7 3.97 5.39 10.12
CA GLU A 7 4.30 4.81 8.83
C GLU A 7 5.42 5.61 8.17
N GLY A 8 6.43 4.91 7.66
CA GLY A 8 7.50 5.55 6.91
C GLY A 8 8.39 4.59 6.15
N THR A 9 7.76 3.62 5.46
CA THR A 9 8.50 2.63 4.69
C THR A 9 9.16 3.21 3.44
N ALA A 10 8.57 4.29 2.93
CA ALA A 10 9.05 4.94 1.71
C ALA A 10 9.07 6.47 1.87
N HIS A 11 8.55 7.19 0.88
CA HIS A 11 8.63 8.66 0.88
C HIS A 11 7.62 9.36 1.77
N THR A 12 6.57 8.65 2.16
CA THR A 12 5.52 9.22 3.00
C THR A 12 5.76 8.93 4.47
N LEU A 13 5.75 10.00 5.28
CA LEU A 13 5.64 9.86 6.72
C LEU A 13 4.18 10.06 7.11
N GLY A 14 3.62 9.06 7.77
CA GLY A 14 2.22 9.10 8.21
C GLY A 14 2.08 8.77 9.67
N ILE A 15 1.28 9.55 10.38
CA ILE A 15 0.98 9.26 11.78
C ILE A 15 -0.53 9.18 11.96
N GLY A 16 -0.98 8.06 12.52
CA GLY A 16 -2.39 7.84 12.77
C GLY A 16 -2.68 7.49 14.22
N ILE A 17 -3.86 7.90 14.68
CA ILE A 17 -4.37 7.51 15.99
C ILE A 17 -5.75 6.92 15.77
N VAL A 18 -5.94 5.69 16.26
CA VAL A 18 -7.21 4.98 16.05
C VAL A 18 -7.69 4.25 17.30
N SER A 19 -8.98 3.97 17.34
CA SER A 19 -9.55 3.02 18.29
C SER A 19 -9.86 1.74 17.53
N GLU A 20 -10.58 0.82 18.18
CA GLU A 20 -11.06 -0.40 17.53
C GLU A 20 -12.10 -0.09 16.45
N ASP A 21 -12.77 1.04 16.59
CA ASP A 21 -13.95 1.38 15.77
C ASP A 21 -13.75 2.54 14.79
N LYS A 22 -12.85 3.47 15.11
CA LYS A 22 -12.70 4.68 14.29
C LYS A 22 -11.28 5.26 14.23
N VAL A 23 -11.06 6.08 13.20
CA VAL A 23 -9.81 6.81 13.01
C VAL A 23 -9.96 8.20 13.64
N LEU A 24 -9.16 8.47 14.66
CA LEU A 24 -9.20 9.75 15.36
C LEU A 24 -8.33 10.81 14.66
N ALA A 25 -7.21 10.36 14.09
CA ALA A 25 -6.31 11.23 13.34
C ALA A 25 -5.57 10.43 12.27
N ASN A 26 -5.29 11.10 11.15
CA ASN A 26 -4.56 10.50 10.04
C ASN A 26 -3.87 11.62 9.26
N VAL A 27 -2.62 11.90 9.63
CA VAL A 27 -1.87 13.03 9.07
C VAL A 27 -0.70 12.59 8.19
N PHE A 28 -0.35 13.43 7.23
CA PHE A 28 0.57 13.07 6.15
C PHE A 28 1.60 14.14 5.86
N ASP A 29 2.79 13.68 5.48
CA ASP A 29 3.76 14.52 4.77
C ASP A 29 4.64 13.62 3.90
N THR A 30 4.67 13.92 2.61
CA THR A 30 5.41 13.12 1.64
C THR A 30 6.58 13.93 1.07
N LEU A 31 7.74 13.28 1.00
CA LEU A 31 8.92 13.87 0.35
C LEU A 31 8.60 14.18 -1.10
N THR A 32 8.83 15.43 -1.49
CA THR A 32 8.58 15.85 -2.86
C THR A 32 9.62 15.26 -3.80
N THR A 33 9.15 14.48 -4.78
CA THR A 33 10.01 13.87 -5.79
C THR A 33 9.45 14.21 -7.16
N GLU A 34 9.75 15.42 -7.62
CA GLU A 34 9.19 15.94 -8.88
C GLU A 34 9.60 15.14 -10.12
N LYS A 35 10.76 14.49 -10.05
CA LYS A 35 11.26 13.67 -11.14
C LYS A 35 11.16 12.18 -10.81
N GLY A 36 10.35 11.85 -9.82
CA GLY A 36 10.14 10.46 -9.39
C GLY A 36 11.38 9.84 -8.79
N GLY A 37 11.48 8.52 -8.89
CA GLY A 37 12.64 7.78 -8.40
C GLY A 37 12.57 7.50 -6.90
N ILE A 38 13.47 6.64 -6.44
CA ILE A 38 13.53 6.24 -5.03
C ILE A 38 14.73 6.91 -4.37
N HIS A 39 14.48 7.61 -3.26
CA HIS A 39 15.52 8.34 -2.54
C HIS A 39 15.49 8.01 -1.05
N PRO A 40 16.16 6.90 -0.66
CA PRO A 40 16.15 6.39 0.72
C PRO A 40 16.75 7.35 1.75
N LYS A 41 17.86 7.99 1.40
CA LYS A 41 18.55 8.91 2.32
C LYS A 41 17.78 10.22 2.52
N GLU A 42 17.22 10.74 1.43
CA GLU A 42 16.38 11.94 1.49
C GLU A 42 15.08 11.69 2.25
N ALA A 43 14.51 10.50 2.06
CA ALA A 43 13.30 10.08 2.78
C ALA A 43 13.54 10.03 4.28
N ALA A 44 14.70 9.49 4.68
CA ALA A 44 15.09 9.40 6.08
C ALA A 44 15.24 10.78 6.72
N GLU A 45 15.92 11.68 6.01
CA GLU A 45 16.08 13.07 6.46
C GLU A 45 14.73 13.75 6.60
N HIS A 46 13.84 13.53 5.63
CA HIS A 46 12.49 14.07 5.64
C HIS A 46 11.69 13.58 6.86
N HIS A 47 11.70 12.27 7.09
CA HIS A 47 10.95 11.67 8.21
C HIS A 47 11.41 12.17 9.57
N ALA A 48 12.72 12.28 9.74
CA ALA A 48 13.31 12.78 10.99
C ALA A 48 12.92 14.24 11.25
N ARG A 49 12.96 15.04 10.20
CA ARG A 49 12.60 16.46 10.25
C ARG A 49 11.13 16.68 10.57
N LEU A 50 10.26 15.86 9.96
CA LEU A 50 8.81 16.03 10.05
C LEU A 50 8.15 15.26 11.19
N MET A 51 8.93 14.47 11.92
CA MET A 51 8.39 13.60 12.99
C MET A 51 7.67 14.39 14.08
N LYS A 52 8.35 15.38 14.66
CA LYS A 52 7.77 16.20 15.73
C LYS A 52 6.51 16.99 15.31
N PRO A 53 6.59 17.77 14.19
CA PRO A 53 5.40 18.51 13.73
C PRO A 53 4.18 17.63 13.44
N LEU A 54 4.39 16.49 12.78
CA LEU A 54 3.28 15.59 12.45
C LEU A 54 2.68 14.91 13.68
N LEU A 55 3.52 14.57 14.65
CA LEU A 55 3.06 13.99 15.91
C LEU A 55 2.16 14.99 16.67
N ARG A 56 2.60 16.24 16.69
CA ARG A 56 1.83 17.32 17.32
C ARG A 56 0.47 17.50 16.64
N LYS A 57 0.47 17.49 15.31
CA LYS A 57 -0.75 17.63 14.50
C LYS A 57 -1.71 16.47 14.70
N ALA A 58 -1.18 15.25 14.75
CA ALA A 58 -1.99 14.05 14.97
C ALA A 58 -2.66 14.06 16.34
N LEU A 59 -1.91 14.45 17.36
CA LEU A 59 -2.44 14.51 18.72
C LEU A 59 -3.50 15.59 18.88
N SER A 60 -3.30 16.71 18.19
CA SER A 60 -4.24 17.83 18.21
C SER A 60 -5.57 17.48 17.54
N GLU A 61 -5.48 16.84 16.37
CA GLU A 61 -6.67 16.46 15.59
C GLU A 61 -7.45 15.32 16.25
N ALA A 62 -6.75 14.44 16.96
CA ALA A 62 -7.38 13.35 17.70
C ALA A 62 -7.96 13.84 19.03
N GLY A 63 -7.37 14.89 19.58
CA GLY A 63 -7.80 15.46 20.86
C GLY A 63 -7.38 14.63 22.06
N VAL A 64 -6.23 13.97 21.94
CA VAL A 64 -5.69 13.14 23.02
C VAL A 64 -4.22 13.45 23.30
N SER A 65 -3.74 12.97 24.44
CA SER A 65 -2.32 13.06 24.78
C SER A 65 -1.66 11.69 24.57
N LEU A 66 -0.34 11.67 24.63
CA LEU A 66 0.43 10.43 24.49
C LEU A 66 0.23 9.48 25.68
N ASP A 67 -0.18 10.04 26.81
CA ASP A 67 -0.53 9.25 28.00
C ASP A 67 -1.83 8.45 27.81
N ASP A 68 -2.70 8.96 26.94
CA ASP A 68 -3.97 8.29 26.62
C ASP A 68 -3.77 7.08 25.70
N ILE A 69 -2.65 7.07 24.97
CA ILE A 69 -2.33 6.01 24.02
C ILE A 69 -2.00 4.70 24.75
N ASP A 70 -2.59 3.59 24.29
CA ASP A 70 -2.38 2.28 24.91
C ASP A 70 -1.17 1.54 24.35
N VAL A 71 -0.95 1.66 23.04
CA VAL A 71 0.15 0.96 22.38
C VAL A 71 0.72 1.80 21.23
N ILE A 72 2.04 1.73 21.05
CA ILE A 72 2.71 2.40 19.95
C ILE A 72 3.06 1.38 18.89
N ALA A 73 2.64 1.65 17.65
CA ALA A 73 2.88 0.77 16.52
C ALA A 73 3.69 1.49 15.45
N PHE A 74 4.54 0.75 14.74
CA PHE A 74 5.33 1.32 13.66
C PHE A 74 5.47 0.35 12.48
N SER A 75 5.64 0.92 11.30
CA SER A 75 5.91 0.13 10.09
C SER A 75 7.33 -0.43 10.17
N GLN A 76 7.42 -1.74 10.42
CA GLN A 76 8.70 -2.42 10.60
C GLN A 76 9.35 -2.78 9.27
N GLY A 77 8.52 -2.89 8.23
CA GLY A 77 8.96 -3.30 6.91
C GLY A 77 7.82 -3.91 6.13
N PRO A 78 8.06 -4.28 4.85
CA PRO A 78 9.30 -4.06 4.13
C PRO A 78 9.42 -2.60 3.69
N GLY A 79 10.60 -2.20 3.23
CA GLY A 79 10.79 -0.83 2.75
C GLY A 79 12.22 -0.38 2.74
N LEU A 80 12.40 0.93 2.69
CA LEU A 80 13.72 1.54 2.59
C LEU A 80 14.40 1.61 3.94
N GLY A 81 15.56 0.95 4.05
CA GLY A 81 16.34 0.87 5.28
C GLY A 81 16.44 2.13 6.11
N PRO A 82 17.05 3.20 5.55
CA PRO A 82 17.22 4.47 6.27
C PRO A 82 15.90 5.06 6.77
N ALA A 83 14.85 4.97 5.95
CA ALA A 83 13.53 5.48 6.32
C ALA A 83 12.90 4.66 7.44
N LEU A 84 12.97 3.34 7.33
CA LEU A 84 12.47 2.43 8.35
C LEU A 84 13.15 2.66 9.71
N ARG A 85 14.47 2.85 9.68
CA ARG A 85 15.25 3.04 10.91
C ARG A 85 14.87 4.33 11.65
N VAL A 86 14.58 5.39 10.92
CA VAL A 86 14.10 6.63 11.52
C VAL A 86 12.76 6.41 12.24
N VAL A 87 11.85 5.72 11.57
CA VAL A 87 10.53 5.40 12.10
C VAL A 87 10.60 4.54 13.36
N ALA A 88 11.42 3.49 13.33
CA ALA A 88 11.59 2.59 14.46
C ALA A 88 12.24 3.28 15.65
N THR A 89 13.25 4.11 15.37
CA THR A 89 13.93 4.90 16.41
C THR A 89 12.94 5.83 17.10
N ALA A 90 12.11 6.51 16.32
CA ALA A 90 11.10 7.43 16.86
C ALA A 90 10.06 6.70 17.71
N ALA A 91 9.63 5.53 17.24
CA ALA A 91 8.64 4.73 17.95
C ALA A 91 9.17 4.22 19.29
N ARG A 92 10.40 3.73 19.28
CA ARG A 92 11.08 3.26 20.49
C ARG A 92 11.24 4.38 21.51
N ALA A 93 11.61 5.57 21.02
CA ALA A 93 11.77 6.75 21.86
C ALA A 93 10.48 7.14 22.58
N LEU A 94 9.37 7.09 21.85
CA LEU A 94 8.04 7.35 22.43
C LEU A 94 7.65 6.29 23.45
N ALA A 95 7.95 5.03 23.13
CA ALA A 95 7.63 3.90 24.00
C ALA A 95 8.35 3.98 25.35
N VAL A 96 9.62 4.35 25.32
CA VAL A 96 10.42 4.48 26.55
C VAL A 96 9.96 5.68 27.38
N LYS A 97 9.80 6.82 26.72
CA LYS A 97 9.45 8.08 27.39
C LYS A 97 8.13 8.00 28.13
N TYR A 98 7.13 7.38 27.50
CA TYR A 98 5.78 7.31 28.06
C TYR A 98 5.43 5.94 28.62
N ARG A 99 6.43 5.06 28.70
CA ARG A 99 6.28 3.70 29.25
C ARG A 99 5.11 2.96 28.61
N LYS A 100 5.16 2.83 27.29
CA LYS A 100 4.10 2.19 26.53
C LYS A 100 4.63 0.95 25.81
N PRO A 101 3.78 -0.09 25.67
CA PRO A 101 4.16 -1.24 24.85
C PRO A 101 4.32 -0.84 23.39
N ILE A 102 5.16 -1.59 22.67
CA ILE A 102 5.46 -1.30 21.28
C ILE A 102 5.25 -2.53 20.40
N VAL A 103 4.73 -2.32 19.20
CA VAL A 103 4.56 -3.42 18.23
C VAL A 103 5.06 -3.02 16.84
N GLY A 104 5.80 -3.92 16.21
CA GLY A 104 6.24 -3.74 14.82
C GLY A 104 5.23 -4.34 13.88
N VAL A 105 4.87 -3.58 12.84
CA VAL A 105 3.80 -3.96 11.93
C VAL A 105 4.31 -4.15 10.50
N ASN A 106 3.87 -5.23 9.86
CA ASN A 106 4.12 -5.45 8.45
C ASN A 106 3.25 -4.52 7.60
N HIS A 107 3.92 -3.74 6.75
CA HIS A 107 3.29 -2.69 5.94
C HIS A 107 2.21 -3.23 4.98
N CYS A 108 2.52 -4.34 4.33
CA CYS A 108 1.60 -4.94 3.34
C CYS A 108 0.35 -5.51 4.01
N ILE A 109 0.54 -6.18 5.15
CA ILE A 109 -0.57 -6.72 5.94
C ILE A 109 -1.49 -5.59 6.42
N ALA A 110 -0.87 -4.50 6.89
CA ALA A 110 -1.61 -3.33 7.38
C ALA A 110 -2.55 -2.73 6.34
N HIS A 111 -2.09 -2.69 5.09
CA HIS A 111 -2.90 -2.19 3.97
C HIS A 111 -4.23 -2.94 3.83
N VAL A 112 -4.20 -4.26 4.05
CA VAL A 112 -5.41 -5.08 3.97
C VAL A 112 -6.21 -5.02 5.28
N GLU A 113 -5.50 -5.10 6.40
CA GLU A 113 -6.14 -5.15 7.72
C GLU A 113 -7.02 -3.95 8.05
N ILE A 114 -6.66 -2.78 7.52
CA ILE A 114 -7.43 -1.54 7.80
C ILE A 114 -8.88 -1.63 7.31
N THR A 115 -9.13 -2.44 6.28
CA THR A 115 -10.48 -2.62 5.74
C THR A 115 -11.43 -3.28 6.76
N LYS A 116 -10.86 -3.99 7.73
CA LYS A 116 -11.64 -4.70 8.74
C LYS A 116 -12.29 -3.77 9.77
N MET A 117 -11.81 -2.53 9.82
CA MET A 117 -12.46 -1.49 10.61
C MET A 117 -13.84 -1.16 10.04
N PHE A 118 -14.01 -1.45 8.75
CA PHE A 118 -15.24 -1.13 8.02
C PHE A 118 -16.18 -2.33 7.86
N GLY A 119 -15.85 -3.43 8.53
CA GLY A 119 -16.72 -4.61 8.55
C GLY A 119 -16.33 -5.73 7.60
N VAL A 120 -15.24 -5.53 6.86
CA VAL A 120 -14.69 -6.59 6.00
C VAL A 120 -14.15 -7.70 6.92
N LYS A 121 -14.47 -8.94 6.58
CA LYS A 121 -14.16 -10.07 7.47
C LYS A 121 -12.91 -10.85 7.08
N ASP A 122 -12.87 -11.30 5.83
CA ASP A 122 -11.85 -12.24 5.36
C ASP A 122 -11.70 -12.14 3.84
N PRO A 123 -11.03 -11.06 3.35
CA PRO A 123 -10.97 -10.81 1.92
C PRO A 123 -9.75 -11.38 1.18
N VAL A 124 -9.87 -11.47 -0.14
CA VAL A 124 -8.71 -11.51 -1.00
C VAL A 124 -8.33 -10.04 -1.21
N GLY A 125 -7.08 -9.71 -0.90
CA GLY A 125 -6.61 -8.33 -1.03
C GLY A 125 -5.75 -8.13 -2.26
N LEU A 126 -6.10 -7.12 -3.06
CA LEU A 126 -5.22 -6.66 -4.13
C LEU A 126 -4.54 -5.40 -3.66
N TYR A 127 -3.25 -5.53 -3.34
CA TYR A 127 -2.46 -4.42 -2.86
C TYR A 127 -1.54 -3.90 -3.97
N VAL A 128 -1.82 -2.68 -4.41
CA VAL A 128 -1.12 -2.09 -5.54
C VAL A 128 -0.62 -0.68 -5.22
N SER A 129 0.70 -0.50 -5.30
CA SER A 129 1.30 0.79 -5.00
C SER A 129 2.44 1.07 -5.97
N GLY A 130 3.27 2.05 -5.64
CA GLY A 130 4.45 2.37 -6.43
C GLY A 130 5.40 1.18 -6.53
N GLY A 131 5.91 0.75 -5.38
CA GLY A 131 6.92 -0.30 -5.32
C GLY A 131 6.41 -1.70 -5.03
N ASN A 132 5.14 -1.79 -4.58
CA ASN A 132 4.55 -3.08 -4.26
C ASN A 132 3.36 -3.44 -5.14
N THR A 133 3.24 -4.74 -5.43
CA THR A 133 2.08 -5.29 -6.11
C THR A 133 1.92 -6.74 -5.65
N GLN A 134 0.90 -6.99 -4.83
CA GLN A 134 0.67 -8.32 -4.26
C GLN A 134 -0.81 -8.65 -4.20
N VAL A 135 -1.13 -9.92 -4.45
CA VAL A 135 -2.44 -10.48 -4.15
C VAL A 135 -2.27 -11.40 -2.94
N LEU A 136 -2.97 -11.07 -1.86
CA LEU A 136 -2.80 -11.77 -0.60
C LEU A 136 -4.13 -12.12 0.07
N ALA A 137 -4.13 -13.23 0.80
CA ALA A 137 -5.32 -13.71 1.50
C ALA A 137 -4.92 -14.63 2.64
N LEU A 138 -5.74 -14.67 3.69
CA LEU A 138 -5.50 -15.55 4.82
C LEU A 138 -5.64 -17.02 4.44
N GLU A 139 -4.58 -17.79 4.68
CA GLU A 139 -4.59 -19.23 4.48
C GLU A 139 -3.56 -19.87 5.42
N GLY A 140 -4.00 -20.86 6.19
CA GLY A 140 -3.12 -21.57 7.11
C GLY A 140 -2.58 -20.70 8.24
N GLY A 141 -3.37 -19.72 8.66
CA GLY A 141 -3.04 -18.87 9.81
C GLY A 141 -2.14 -17.69 9.48
N ARG A 142 -1.87 -17.49 8.19
CA ARG A 142 -0.98 -16.42 7.73
C ARG A 142 -1.51 -15.84 6.43
N TYR A 143 -1.06 -14.63 6.09
CA TYR A 143 -1.34 -14.07 4.77
C TYR A 143 -0.44 -14.73 3.74
N ARG A 144 -1.04 -15.51 2.85
CA ARG A 144 -0.31 -16.10 1.74
C ARG A 144 -0.33 -15.14 0.55
N VAL A 145 0.83 -14.96 -0.07
CA VAL A 145 0.91 -14.19 -1.32
C VAL A 145 0.69 -15.15 -2.47
N PHE A 146 -0.42 -14.95 -3.19
CA PHE A 146 -0.77 -15.83 -4.30
C PHE A 146 -0.06 -15.46 -5.58
N GLY A 147 0.13 -14.16 -5.77
CA GLY A 147 0.86 -13.62 -6.90
C GLY A 147 1.42 -12.27 -6.53
N GLU A 148 2.56 -11.93 -7.09
CA GLU A 148 3.18 -10.62 -6.84
C GLU A 148 4.06 -10.20 -8.01
N THR A 149 4.47 -8.94 -8.03
CA THR A 149 5.34 -8.48 -9.10
C THR A 149 6.74 -9.10 -9.02
N LEU A 150 7.24 -9.49 -10.19
CA LEU A 150 8.57 -10.08 -10.32
C LEU A 150 9.61 -9.03 -10.63
N ASP A 151 9.16 -7.81 -10.95
CA ASP A 151 10.08 -6.72 -11.25
C ASP A 151 9.73 -5.43 -10.50
N ILE A 152 8.79 -4.68 -11.03
CA ILE A 152 8.45 -3.37 -10.50
C ILE A 152 6.96 -3.33 -10.11
N GLY A 153 6.64 -2.51 -9.11
CA GLY A 153 5.25 -2.30 -8.73
C GLY A 153 4.50 -1.64 -9.87
N ILE A 154 3.20 -1.89 -9.97
CA ILE A 154 2.40 -1.32 -11.05
C ILE A 154 2.45 0.21 -11.04
N GLY A 155 2.41 0.80 -9.85
CA GLY A 155 2.53 2.25 -9.69
C GLY A 155 3.81 2.79 -10.29
N ASN A 156 4.93 2.15 -9.98
CA ASN A 156 6.22 2.55 -10.56
C ASN A 156 6.26 2.39 -12.08
N ALA A 157 5.68 1.30 -12.58
CA ALA A 157 5.60 1.06 -14.02
C ALA A 157 4.86 2.21 -14.71
N ILE A 158 3.72 2.60 -14.12
CA ILE A 158 2.95 3.73 -14.64
C ILE A 158 3.73 5.05 -14.52
N ASP A 159 4.43 5.22 -13.40
CA ASP A 159 5.25 6.42 -13.17
C ASP A 159 6.38 6.59 -14.19
N VAL A 160 7.04 5.48 -14.53
CA VAL A 160 8.11 5.49 -15.52
C VAL A 160 7.55 5.83 -16.92
N PHE A 161 6.43 5.19 -17.27
CA PHE A 161 5.74 5.46 -18.52
C PHE A 161 5.35 6.94 -18.59
N ALA A 162 4.77 7.44 -17.51
CA ALA A 162 4.40 8.85 -17.40
C ALA A 162 5.59 9.78 -17.61
N ARG A 163 6.70 9.49 -16.93
CA ARG A 163 7.91 10.30 -17.05
C ARG A 163 8.40 10.39 -18.50
N GLU A 164 8.41 9.24 -19.18
CA GLU A 164 8.77 9.18 -20.60
C GLU A 164 7.90 10.10 -21.45
N LEU A 165 6.60 10.13 -21.14
CA LEU A 165 5.63 10.91 -21.91
C LEU A 165 5.59 12.40 -21.54
N GLY A 166 6.36 12.78 -20.53
CA GLY A 166 6.42 14.18 -20.08
C GLY A 166 5.43 14.51 -18.98
N LEU A 167 4.91 13.46 -18.35
CA LEU A 167 3.96 13.57 -17.24
C LEU A 167 4.72 13.32 -15.94
N GLY A 168 4.88 14.37 -15.15
CA GLY A 168 5.65 14.32 -13.91
C GLY A 168 4.97 13.53 -12.80
N PHE A 169 5.74 13.25 -11.75
CA PHE A 169 5.26 12.47 -10.61
C PHE A 169 4.18 13.23 -9.84
N PRO A 170 3.10 12.54 -9.41
CA PRO A 170 2.79 11.13 -9.65
C PRO A 170 2.22 10.86 -11.04
N GLY A 171 2.67 9.77 -11.66
CA GLY A 171 2.25 9.42 -13.01
C GLY A 171 0.85 8.84 -13.12
N GLY A 172 0.43 8.11 -12.09
CA GLY A 172 -0.85 7.40 -12.09
C GLY A 172 -2.07 8.19 -12.53
N PRO A 173 -2.43 9.26 -11.78
CA PRO A 173 -3.59 10.08 -12.15
C PRO A 173 -3.50 10.67 -13.55
N LYS A 174 -2.29 11.04 -13.97
CA LYS A 174 -2.06 11.66 -15.28
C LYS A 174 -2.27 10.66 -16.42
N VAL A 175 -1.72 9.46 -16.25
CA VAL A 175 -1.91 8.38 -17.22
C VAL A 175 -3.38 7.94 -17.26
N GLU A 176 -4.04 7.93 -16.09
CA GLU A 176 -5.47 7.60 -16.02
C GLU A 176 -6.30 8.57 -16.87
N LYS A 177 -5.98 9.85 -16.78
CA LYS A 177 -6.68 10.89 -17.55
C LYS A 177 -6.49 10.70 -19.06
N LEU A 178 -5.25 10.46 -19.49
CA LEU A 178 -4.95 10.19 -20.89
C LEU A 178 -5.72 8.97 -21.40
N ALA A 179 -5.74 7.92 -20.58
CA ALA A 179 -6.39 6.66 -20.91
C ALA A 179 -7.88 6.82 -21.20
N GLU A 180 -8.52 7.75 -20.48
CA GLU A 180 -9.94 8.05 -20.68
C GLU A 180 -10.22 8.59 -22.09
N LYS A 181 -9.19 9.18 -22.71
CA LYS A 181 -9.30 9.77 -24.04
C LYS A 181 -8.88 8.80 -25.16
N GLY A 182 -8.45 7.60 -24.79
CA GLY A 182 -8.05 6.57 -25.75
C GLY A 182 -9.25 5.98 -26.48
N GLU A 183 -9.06 5.68 -27.75
CA GLU A 183 -10.15 5.18 -28.61
C GLU A 183 -9.76 3.94 -29.42
N LYS A 184 -8.56 3.43 -29.19
CA LYS A 184 -8.06 2.25 -29.90
C LYS A 184 -7.15 1.44 -28.99
N TYR A 185 -7.39 0.12 -28.92
CA TYR A 185 -6.47 -0.75 -28.21
C TYR A 185 -5.29 -1.14 -29.10
N ILE A 186 -4.09 -0.92 -28.55
CA ILE A 186 -2.86 -1.29 -29.21
C ILE A 186 -2.28 -2.49 -28.46
N GLU A 187 -2.03 -3.58 -29.18
CA GLU A 187 -1.51 -4.81 -28.59
C GLU A 187 -0.21 -4.60 -27.82
N LEU A 188 -0.21 -5.05 -26.57
CA LEU A 188 0.95 -4.97 -25.69
C LEU A 188 1.10 -6.29 -24.93
N PRO A 189 2.34 -6.61 -24.48
CA PRO A 189 2.62 -7.90 -23.82
C PRO A 189 1.77 -8.11 -22.57
N TYR A 190 1.20 -9.31 -22.42
CA TYR A 190 0.39 -9.62 -21.24
C TYR A 190 1.27 -9.74 -20.00
N ALA A 191 0.76 -9.23 -18.89
CA ALA A 191 1.57 -9.02 -17.69
C ALA A 191 1.49 -10.14 -16.64
N VAL A 192 0.83 -11.24 -16.98
CA VAL A 192 0.81 -12.41 -16.09
C VAL A 192 1.93 -13.37 -16.49
N LYS A 193 2.74 -13.74 -15.52
CA LYS A 193 3.81 -14.72 -15.71
C LYS A 193 3.67 -15.80 -14.66
N GLY A 194 3.06 -16.93 -15.06
CA GLY A 194 2.70 -18.00 -14.14
C GLY A 194 1.61 -17.53 -13.20
N MET A 195 1.94 -17.46 -11.90
CA MET A 195 1.03 -16.94 -10.88
C MET A 195 1.24 -15.44 -10.68
N ASP A 196 2.37 -14.95 -11.17
CA ASP A 196 2.85 -13.63 -10.80
C ASP A 196 2.61 -12.56 -11.84
N LEU A 197 2.95 -11.32 -11.48
CA LEU A 197 2.88 -10.17 -12.37
C LEU A 197 4.27 -9.77 -12.84
N SER A 198 4.36 -9.34 -14.10
CA SER A 198 5.62 -8.81 -14.63
C SER A 198 5.29 -7.65 -15.57
N PHE A 199 5.81 -6.46 -15.24
CA PHE A 199 5.45 -5.26 -15.98
C PHE A 199 6.57 -4.67 -16.83
N SER A 200 7.80 -5.16 -16.65
CA SER A 200 8.95 -4.59 -17.35
C SER A 200 8.83 -4.73 -18.87
N GLY A 201 8.39 -5.90 -19.34
CA GLY A 201 8.17 -6.14 -20.76
C GLY A 201 7.10 -5.24 -21.35
N LEU A 202 6.00 -5.10 -20.63
CA LEU A 202 4.89 -4.23 -21.02
C LEU A 202 5.34 -2.77 -21.11
N LEU A 203 6.06 -2.32 -20.07
CA LEU A 203 6.55 -0.95 -19.99
C LEU A 203 7.52 -0.61 -21.12
N THR A 204 8.49 -1.49 -21.35
CA THR A 204 9.50 -1.25 -22.38
C THR A 204 8.91 -1.26 -23.79
N GLU A 205 7.95 -2.15 -24.04
CA GLU A 205 7.25 -2.17 -25.33
C GLU A 205 6.43 -0.90 -25.54
N ALA A 206 5.73 -0.46 -24.49
CA ALA A 206 4.95 0.78 -24.55
C ALA A 206 5.82 1.98 -24.87
N ILE A 207 7.00 2.05 -24.25
CA ILE A 207 7.97 3.12 -24.50
C ILE A 207 8.50 3.07 -25.94
N ARG A 208 8.83 1.86 -26.41
CA ARG A 208 9.29 1.68 -27.79
C ARG A 208 8.24 2.16 -28.80
N LYS A 209 6.98 1.81 -28.55
CA LYS A 209 5.88 2.23 -29.41
C LYS A 209 5.67 3.75 -29.36
N TYR A 210 5.84 4.34 -28.17
CA TYR A 210 5.78 5.79 -28.02
C TYR A 210 6.85 6.50 -28.84
N ARG A 211 8.08 5.99 -28.76
CA ARG A 211 9.21 6.61 -29.45
C ARG A 211 9.13 6.48 -30.97
N SER A 212 8.31 5.53 -31.44
CA SER A 212 8.11 5.33 -32.88
C SER A 212 7.33 6.48 -33.52
N GLY A 213 6.50 7.15 -32.72
CA GLY A 213 5.67 8.25 -33.20
C GLY A 213 4.48 7.82 -34.03
N LYS A 214 4.23 6.51 -34.07
CA LYS A 214 3.18 5.93 -34.92
C LYS A 214 1.79 5.96 -34.28
N TYR A 215 1.74 6.18 -32.98
CA TYR A 215 0.49 6.05 -32.22
C TYR A 215 0.09 7.33 -31.50
N ARG A 216 -1.20 7.44 -31.19
CA ARG A 216 -1.70 8.47 -30.28
C ARG A 216 -1.26 8.13 -28.86
N VAL A 217 -0.72 9.11 -28.15
CA VAL A 217 -0.29 8.93 -26.77
C VAL A 217 -1.44 8.42 -25.88
N GLU A 218 -2.64 8.95 -26.11
CA GLU A 218 -3.83 8.56 -25.34
C GLU A 218 -4.23 7.10 -25.57
N ASP A 219 -4.01 6.61 -26.79
CA ASP A 219 -4.28 5.21 -27.13
C ASP A 219 -3.28 4.28 -26.45
N LEU A 220 -2.02 4.72 -26.35
CA LEU A 220 -1.00 3.95 -25.65
C LEU A 220 -1.28 3.89 -24.14
N ALA A 221 -1.66 5.02 -23.56
CA ALA A 221 -2.02 5.08 -22.13
C ALA A 221 -3.22 4.18 -21.84
N TYR A 222 -4.22 4.23 -22.70
CA TYR A 222 -5.40 3.37 -22.59
C TYR A 222 -5.01 1.90 -22.63
N SER A 223 -4.20 1.53 -23.62
CA SER A 223 -3.77 0.15 -23.81
C SER A 223 -2.88 -0.36 -22.67
N PHE A 224 -2.01 0.51 -22.17
CA PHE A 224 -1.14 0.21 -21.02
C PHE A 224 -1.99 -0.20 -19.82
N GLN A 225 -2.99 0.61 -19.50
CA GLN A 225 -3.91 0.32 -18.39
C GLN A 225 -4.72 -0.96 -18.60
N GLU A 226 -5.30 -1.11 -19.79
CA GLU A 226 -6.14 -2.28 -20.08
C GLU A 226 -5.36 -3.58 -19.92
N THR A 227 -4.10 -3.57 -20.35
CA THR A 227 -3.22 -4.75 -20.29
C THR A 227 -2.77 -5.04 -18.85
N ALA A 228 -2.23 -4.03 -18.19
CA ALA A 228 -1.73 -4.17 -16.82
C ALA A 228 -2.84 -4.52 -15.83
N PHE A 229 -3.96 -3.82 -15.92
CA PHE A 229 -5.07 -4.03 -14.99
C PHE A 229 -5.77 -5.39 -15.20
N ALA A 230 -5.90 -5.82 -16.45
CA ALA A 230 -6.49 -7.12 -16.75
C ALA A 230 -5.69 -8.25 -16.07
N ALA A 231 -4.37 -8.08 -16.06
CA ALA A 231 -3.47 -9.01 -15.37
C ALA A 231 -3.72 -9.02 -13.87
N LEU A 232 -3.89 -7.84 -13.28
CA LEU A 232 -4.17 -7.71 -11.85
C LEU A 232 -5.47 -8.42 -11.49
N VAL A 233 -6.50 -8.20 -12.30
CA VAL A 233 -7.82 -8.80 -12.09
C VAL A 233 -7.76 -10.32 -12.20
N GLU A 234 -7.00 -10.83 -13.17
CA GLU A 234 -6.86 -12.28 -13.35
C GLU A 234 -6.25 -12.95 -12.12
N VAL A 235 -5.13 -12.41 -11.64
CA VAL A 235 -4.45 -12.98 -10.46
C VAL A 235 -5.36 -12.91 -9.24
N THR A 236 -6.08 -11.79 -9.09
CA THR A 236 -7.04 -11.64 -8.00
C THR A 236 -8.16 -12.68 -8.09
N GLU A 237 -8.73 -12.86 -9.28
CA GLU A 237 -9.81 -13.83 -9.49
C GLU A 237 -9.37 -15.26 -9.20
N ARG A 238 -8.16 -15.62 -9.64
CA ARG A 238 -7.58 -16.93 -9.36
C ARG A 238 -7.51 -17.21 -7.86
N ALA A 239 -7.08 -16.21 -7.09
CA ALA A 239 -7.00 -16.31 -5.65
C ALA A 239 -8.39 -16.50 -5.02
N VAL A 240 -9.36 -15.74 -5.52
CA VAL A 240 -10.76 -15.88 -5.09
C VAL A 240 -11.27 -17.30 -5.33
N ALA A 241 -11.01 -17.81 -6.54
CA ALA A 241 -11.47 -19.15 -6.93
C ALA A 241 -10.91 -20.25 -6.01
N HIS A 242 -9.63 -20.12 -5.66
CA HIS A 242 -8.97 -21.09 -4.78
C HIS A 242 -9.44 -20.98 -3.33
N THR A 243 -9.41 -19.76 -2.78
CA THR A 243 -9.69 -19.54 -1.36
C THR A 243 -11.18 -19.63 -1.02
N GLU A 244 -12.03 -19.39 -2.01
CA GLU A 244 -13.49 -19.36 -1.85
C GLU A 244 -13.96 -18.23 -0.91
N LYS A 245 -13.14 -17.20 -0.76
CA LYS A 245 -13.53 -16.04 0.04
C LYS A 245 -14.55 -15.21 -0.73
N ASP A 246 -15.43 -14.53 0.00
CA ASP A 246 -16.59 -13.86 -0.62
C ASP A 246 -16.48 -12.34 -0.64
N GLU A 247 -15.27 -11.83 -0.51
CA GLU A 247 -15.01 -10.40 -0.58
C GLU A 247 -13.61 -10.11 -1.12
N VAL A 248 -13.51 -9.04 -1.90
CA VAL A 248 -12.24 -8.57 -2.44
C VAL A 248 -12.05 -7.13 -2.00
N VAL A 249 -10.83 -6.81 -1.55
CA VAL A 249 -10.49 -5.42 -1.25
C VAL A 249 -9.37 -4.92 -2.18
N LEU A 250 -9.48 -3.66 -2.57
CA LEU A 250 -8.45 -2.99 -3.34
C LEU A 250 -7.80 -1.94 -2.45
N VAL A 251 -6.48 -2.05 -2.27
CA VAL A 251 -5.73 -1.19 -1.36
C VAL A 251 -4.40 -0.75 -1.98
N GLY A 252 -3.76 0.24 -1.35
CA GLY A 252 -2.55 0.83 -1.91
C GLY A 252 -2.84 2.09 -2.71
N GLY A 253 -1.79 2.84 -3.04
CA GLY A 253 -1.93 4.12 -3.73
C GLY A 253 -2.61 4.06 -5.09
N VAL A 254 -2.48 2.92 -5.77
CA VAL A 254 -3.07 2.73 -7.09
C VAL A 254 -4.58 2.49 -7.02
N ALA A 255 -5.10 2.28 -5.81
CA ALA A 255 -6.53 2.07 -5.60
C ALA A 255 -7.40 3.27 -6.00
N ALA A 256 -6.76 4.43 -6.19
CA ALA A 256 -7.44 5.64 -6.65
C ALA A 256 -7.97 5.51 -8.08
N ASN A 257 -7.40 4.58 -8.83
CA ASN A 257 -7.73 4.43 -10.25
C ASN A 257 -9.15 3.92 -10.49
N ASN A 258 -9.96 4.74 -11.14
CA ASN A 258 -11.36 4.42 -11.42
C ASN A 258 -11.57 3.26 -12.39
N ARG A 259 -10.68 3.13 -13.37
CA ARG A 259 -10.76 2.05 -14.34
C ARG A 259 -10.48 0.69 -13.69
N LEU A 260 -9.44 0.63 -12.87
CA LEU A 260 -9.12 -0.58 -12.11
C LEU A 260 -10.29 -0.98 -11.19
N ARG A 261 -10.86 0.01 -10.50
CA ARG A 261 -12.03 -0.21 -9.66
C ARG A 261 -13.19 -0.81 -10.46
N GLU A 262 -13.46 -0.24 -11.62
CA GLU A 262 -14.54 -0.70 -12.50
C GLU A 262 -14.33 -2.16 -12.92
N MET A 263 -13.10 -2.48 -13.31
CA MET A 263 -12.77 -3.84 -13.75
C MET A 263 -12.94 -4.85 -12.63
N LEU A 264 -12.60 -4.45 -11.41
CA LEU A 264 -12.78 -5.30 -10.23
C LEU A 264 -14.26 -5.44 -9.83
N ARG A 265 -15.00 -4.34 -9.95
CA ARG A 265 -16.45 -4.37 -9.72
C ARG A 265 -17.13 -5.38 -10.64
N ILE A 266 -16.76 -5.36 -11.92
CA ILE A 266 -17.31 -6.27 -12.92
C ILE A 266 -17.01 -7.73 -12.54
N MET A 267 -15.75 -8.00 -12.20
CA MET A 267 -15.32 -9.34 -11.83
C MET A 267 -16.05 -9.87 -10.59
N THR A 268 -16.16 -9.03 -9.56
CA THR A 268 -16.81 -9.42 -8.31
C THR A 268 -18.32 -9.61 -8.48
N GLU A 269 -18.95 -8.71 -9.23
CA GLU A 269 -20.39 -8.80 -9.52
C GLU A 269 -20.74 -10.07 -10.30
N ASP A 270 -19.89 -10.44 -11.26
CA ASP A 270 -20.06 -11.65 -12.05
C ASP A 270 -19.99 -12.91 -11.18
N ARG A 271 -19.16 -12.86 -10.13
CA ARG A 271 -18.98 -13.97 -9.21
C ARG A 271 -19.97 -13.93 -8.05
N GLY A 272 -20.71 -12.83 -7.92
CA GLY A 272 -21.69 -12.64 -6.86
C GLY A 272 -21.06 -12.42 -5.49
N ILE A 273 -19.87 -11.84 -5.47
CA ILE A 273 -19.15 -11.58 -4.23
C ILE A 273 -19.00 -10.07 -3.97
N LYS A 274 -18.56 -9.72 -2.77
CA LYS A 274 -18.47 -8.32 -2.35
C LYS A 274 -17.15 -7.66 -2.80
N PHE A 275 -17.21 -6.35 -3.01
CA PHE A 275 -16.02 -5.56 -3.34
C PHE A 275 -15.98 -4.31 -2.46
N PHE A 276 -14.80 -4.01 -1.93
CA PHE A 276 -14.64 -2.86 -1.04
C PHE A 276 -13.32 -2.14 -1.26
N VAL A 277 -13.40 -0.81 -1.29
CA VAL A 277 -12.22 0.05 -1.30
C VAL A 277 -12.39 1.06 -0.17
N PRO A 278 -11.41 1.11 0.76
CA PRO A 278 -11.50 2.09 1.86
C PRO A 278 -11.29 3.52 1.36
N PRO A 279 -11.66 4.53 2.18
CA PRO A 279 -11.36 5.93 1.83
C PRO A 279 -9.89 6.08 1.46
N TYR A 280 -9.60 6.95 0.48
CA TYR A 280 -8.27 6.98 -0.12
C TYR A 280 -7.12 7.26 0.85
N ASP A 281 -7.37 8.07 1.88
CA ASP A 281 -6.36 8.34 2.92
C ASP A 281 -6.02 7.11 3.76
N LEU A 282 -6.77 6.02 3.55
CA LEU A 282 -6.47 4.74 4.17
C LEU A 282 -5.97 3.71 3.14
N CYS A 283 -6.05 4.08 1.86
CA CYS A 283 -5.53 3.27 0.75
C CYS A 283 -4.04 3.49 0.55
N ARG A 284 -3.66 4.76 0.36
CA ARG A 284 -2.28 5.16 0.19
C ARG A 284 -1.53 4.99 1.52
N ASP A 285 -0.21 5.02 1.47
CA ASP A 285 0.62 4.92 2.66
C ASP A 285 0.16 5.89 3.75
N ASN A 286 -0.14 5.34 4.92
CA ASN A 286 -0.70 6.12 6.02
C ASN A 286 -0.39 5.48 7.38
N GLY A 287 -0.41 6.29 8.43
CA GLY A 287 -0.13 5.80 9.79
C GLY A 287 -1.30 5.14 10.49
N ALA A 288 -2.52 5.43 10.04
CA ALA A 288 -3.73 4.87 10.65
C ALA A 288 -3.85 3.35 10.49
N MET A 289 -3.48 2.84 9.31
CA MET A 289 -3.49 1.39 9.07
C MET A 289 -2.47 0.67 9.96
N ILE A 290 -1.34 1.34 10.21
CA ILE A 290 -0.31 0.82 11.12
C ILE A 290 -0.85 0.79 12.55
N ALA A 291 -1.50 1.89 12.95
CA ALA A 291 -2.11 1.99 14.27
C ALA A 291 -3.17 0.91 14.51
N TYR A 292 -4.03 0.70 13.51
CA TYR A 292 -5.11 -0.28 13.63
C TYR A 292 -4.62 -1.72 13.73
N THR A 293 -3.73 -2.11 12.82
CA THR A 293 -3.14 -3.44 12.83
C THR A 293 -2.37 -3.66 14.14
N GLY A 294 -1.61 -2.66 14.55
CA GLY A 294 -0.86 -2.70 15.81
C GLY A 294 -1.75 -2.90 17.02
N LEU A 295 -2.90 -2.23 17.03
CA LEU A 295 -3.89 -2.37 18.11
C LEU A 295 -4.47 -3.77 18.19
N ARG A 296 -4.82 -4.33 17.02
CA ARG A 296 -5.34 -5.70 16.94
C ARG A 296 -4.32 -6.72 17.43
N MET A 297 -3.06 -6.50 17.09
CA MET A 297 -1.96 -7.35 17.55
C MET A 297 -1.82 -7.27 19.07
N TYR A 298 -1.83 -6.05 19.60
CA TYR A 298 -1.69 -5.82 21.03
C TYR A 298 -2.83 -6.47 21.84
N LYS A 299 -4.07 -6.31 21.34
CA LYS A 299 -5.23 -6.91 21.99
C LYS A 299 -5.17 -8.44 21.99
N ALA A 300 -4.44 -9.00 21.02
CA ALA A 300 -4.23 -10.44 20.93
C ALA A 300 -3.07 -10.91 21.82
N GLY A 301 -2.45 -9.98 22.53
CA GLY A 301 -1.39 -10.30 23.49
C GLY A 301 0.03 -10.11 22.99
N ILE A 302 0.18 -9.49 21.83
CA ILE A 302 1.50 -9.26 21.24
C ILE A 302 2.11 -7.96 21.76
N SER A 303 3.31 -8.06 22.33
CA SER A 303 4.06 -6.92 22.84
C SER A 303 5.55 -7.20 22.64
N PHE A 304 6.21 -6.34 21.88
CA PHE A 304 7.58 -6.59 21.42
C PHE A 304 8.66 -6.27 22.46
N ARG A 305 9.65 -7.16 22.56
CA ARG A 305 10.89 -6.87 23.27
C ARG A 305 11.75 -6.00 22.36
N LEU A 306 12.79 -5.36 22.92
CA LEU A 306 13.60 -4.40 22.16
C LEU A 306 14.22 -5.00 20.89
N GLU A 307 14.79 -6.20 21.00
CA GLU A 307 15.44 -6.85 19.86
C GLU A 307 14.43 -7.31 18.79
N GLU A 308 13.15 -7.37 19.16
CA GLU A 308 12.09 -7.73 18.23
C GLU A 308 11.65 -6.55 17.36
N THR A 309 12.09 -5.35 17.72
CA THR A 309 11.71 -4.12 17.01
C THR A 309 12.68 -3.70 15.91
N ILE A 310 13.76 -4.47 15.72
CA ILE A 310 14.74 -4.20 14.67
C ILE A 310 14.05 -4.27 13.31
N VAL A 311 14.33 -3.28 12.46
CA VAL A 311 13.66 -3.17 11.16
C VAL A 311 13.94 -4.35 10.23
N LYS A 312 12.95 -4.65 9.39
CA LYS A 312 13.04 -5.75 8.43
C LYS A 312 12.82 -5.21 7.03
N GLN A 313 13.92 -4.84 6.37
CA GLN A 313 13.87 -4.29 5.01
C GLN A 313 13.14 -5.20 4.03
N LYS A 314 13.31 -6.52 4.21
CA LYS A 314 12.72 -7.51 3.31
C LYS A 314 11.64 -8.36 4.00
N PHE A 315 10.92 -7.73 4.93
CA PHE A 315 9.82 -8.34 5.66
C PHE A 315 8.86 -9.05 4.69
N ARG A 316 8.77 -10.37 4.81
CA ARG A 316 7.87 -11.15 3.96
C ARG A 316 6.48 -11.17 4.56
N THR A 317 5.48 -11.05 3.70
CA THR A 317 4.08 -10.98 4.11
C THR A 317 3.63 -12.23 4.90
N ASP A 318 4.14 -13.39 4.54
CA ASP A 318 3.75 -14.66 5.17
C ASP A 318 4.46 -14.96 6.50
N GLU A 319 5.34 -14.07 6.94
CA GLU A 319 6.11 -14.29 8.17
C GLU A 319 5.27 -14.16 9.44
N VAL A 320 4.27 -13.28 9.40
CA VAL A 320 3.47 -12.95 10.58
C VAL A 320 2.30 -13.92 10.75
N GLU A 321 2.23 -14.56 11.91
CA GLU A 321 1.09 -15.39 12.25
C GLU A 321 -0.06 -14.49 12.69
N ILE A 322 -1.19 -14.60 11.99
CA ILE A 322 -2.34 -13.73 12.22
C ILE A 322 -3.22 -14.29 13.33
N VAL A 323 -2.75 -14.15 14.57
CA VAL A 323 -3.40 -14.73 15.74
C VAL A 323 -4.62 -13.94 16.22
N TRP A 324 -4.79 -12.73 15.70
CA TRP A 324 -5.93 -11.88 16.06
C TRP A 324 -7.17 -12.13 15.21
N HIS A 325 -7.04 -13.00 14.20
CA HIS A 325 -8.20 -13.40 13.39
C HIS A 325 -8.86 -14.64 13.97
#